data_2YK4
#
_entry.id   2YK4
#
_cell.length_a   86.565
_cell.length_b   124.735
_cell.length_c   41.866
_cell.angle_alpha   90.00
_cell.angle_beta   90.00
_cell.angle_gamma   90.00
#
_symmetry.space_group_name_H-M   'P 21 21 2'
#
loop_
_entity.id
_entity.type
_entity.pdbx_description
1 polymer CMP-N-ACETYLNEURAMINATE-BETA-GALACTOSAMIDE-ALPHA-2,3-SIALYLTRANSFERASE
2 non-polymer '2-(2-{2-[2-(2-{2-[2-(2-{2-[4-(1,1,3,3-TETRAMETHYL-BUTYL)-PHENOXY]-ETHOXY}-ETHOXY)-ETHOXY]-ETHOXY}-ETHOXY)-ETHOXY]-ETHOX Y}-ETHOXY)-ETHANOL'
3 non-polymer 1,2-ETHANEDIOL
4 non-polymer 'SULFATE ION'
5 water water
#
_entity_poly.entity_id   1
_entity_poly.type   'polypeptide(L)'
_entity_poly.pdbx_seq_one_letter_code
;EPVNLIFCYTILQ(MSE)KVAERI(MSE)AQHPGERFYVVL(MSE)SENRNEKYDYYFNQIKDKAEWAYFFHLPYGLNKS
FNFIPT(MSE)AELKVKA(MSE)LLPKVKRIYLASLEKVSIAAFLSTYPDAEIKTFDDGTINLIQSSSYLGDEFSVNGTI
KRNFAR(MSE)(MSE)IGDWSIAKTRNASDEHYTIFKGLKNI(MSE)DDGRRK(MSE)TYLPLFDASELKAGDETGGTVR
ILLGSPDKE(MSE)KEISEKAAKNFNIQYVAPHPRQTYGLSGVTTLNSPYVIEDYILREIKKNPHTRYEIYTFFSGAALT
(MSE)KDFPNVHVYALKPASLPEDYWLKPVYALFTQSGIPILTFDDKLVPR
;
_entity_poly.pdbx_strand_id   A
#
loop_
_chem_comp.id
_chem_comp.type
_chem_comp.name
_chem_comp.formula
EDO non-polymer 1,2-ETHANEDIOL 'C2 H6 O2'
EGC non-polymer '2-(2-{2-[2-(2-{2-[2-(2-{2-[4-(1,1,3,3-TETRAMETHYL-BUTYL)-PHENOXY]-ETHOXY}-ETHOXY)-ETHOXY]-ETHOXY}-ETHOXY)-ETHOXY]-ETHOX Y}-ETHOXY)-ETHANOL' 'C32 H58 O10'
SO4 non-polymer 'SULFATE ION' 'O4 S -2'
#
# COMPACT_ATOMS: atom_id res chain seq x y z
N GLU A 1 10.00 -26.08 -9.48
CA GLU A 1 8.86 -26.81 -10.11
C GLU A 1 7.62 -25.90 -10.06
N PRO A 2 6.99 -25.65 -11.22
CA PRO A 2 5.87 -24.70 -11.17
C PRO A 2 4.65 -25.31 -10.52
N VAL A 3 3.69 -24.47 -10.12
CA VAL A 3 2.54 -24.98 -9.44
C VAL A 3 1.32 -24.81 -10.36
N ASN A 4 0.29 -25.58 -10.06
CA ASN A 4 -1.01 -25.38 -10.70
C ASN A 4 -1.93 -24.70 -9.66
N LEU A 5 -2.74 -23.73 -10.10
CA LEU A 5 -3.73 -23.14 -9.17
C LEU A 5 -5.11 -23.70 -9.50
N ILE A 6 -5.90 -23.98 -8.47
CA ILE A 6 -7.36 -24.29 -8.68
C ILE A 6 -8.21 -23.33 -7.87
N PHE A 7 -9.19 -22.70 -8.52
CA PHE A 7 -10.12 -21.78 -7.83
C PHE A 7 -11.55 -22.38 -7.88
N CYS A 8 -12.18 -22.55 -6.70
CA CYS A 8 -13.48 -23.25 -6.51
C CYS A 8 -14.40 -22.32 -5.74
N TYR A 9 -15.70 -22.34 -6.06
CA TYR A 9 -16.65 -21.69 -5.14
C TYR A 9 -17.88 -22.54 -4.77
N THR A 10 -17.89 -23.82 -5.11
CA THR A 10 -18.92 -24.71 -4.62
C THR A 10 -18.32 -26.06 -4.21
N ILE A 11 -19.12 -26.89 -3.53
CA ILE A 11 -18.66 -28.24 -3.15
C ILE A 11 -18.42 -29.16 -4.34
N LEU A 12 -19.38 -29.19 -5.27
CA LEU A 12 -19.18 -29.99 -6.46
C LEU A 12 -17.92 -29.56 -7.24
N GLN A 13 -17.64 -28.27 -7.28
CA GLN A 13 -16.38 -27.81 -7.92
C GLN A 13 -15.14 -28.33 -7.18
N MSE A 14 -15.22 -28.41 -5.85
CA MSE A 14 -14.12 -29.01 -5.09
C MSE A 14 -14.00 -30.47 -5.40
O MSE A 14 -12.92 -31.01 -5.48
CB MSE A 14 -14.29 -28.81 -3.57
CG MSE A 14 -14.09 -27.39 -3.07
SE MSE A 14 -13.96 -27.50 -1.10
CE MSE A 14 -15.79 -27.42 -0.71
N LYS A 15 -15.12 -31.16 -5.63
CA LYS A 15 -15.00 -32.54 -6.10
C LYS A 15 -14.33 -32.66 -7.46
N VAL A 16 -14.66 -31.73 -8.34
CA VAL A 16 -14.00 -31.67 -9.66
C VAL A 16 -12.50 -31.40 -9.45
N ALA A 17 -12.15 -30.46 -8.58
CA ALA A 17 -10.73 -30.17 -8.24
C ALA A 17 -10.00 -31.46 -7.83
N GLU A 18 -10.65 -32.26 -6.96
CA GLU A 18 -10.06 -33.52 -6.48
C GLU A 18 -9.80 -34.50 -7.61
N ARG A 19 -10.73 -34.58 -8.55
CA ARG A 19 -10.57 -35.46 -9.69
C ARG A 19 -9.38 -35.02 -10.54
N ILE A 20 -9.28 -33.73 -10.75
CA ILE A 20 -8.20 -33.15 -11.58
C ILE A 20 -6.87 -33.43 -10.88
N MSE A 21 -6.83 -33.19 -9.56
CA MSE A 21 -5.60 -33.42 -8.81
C MSE A 21 -5.14 -34.87 -8.89
O MSE A 21 -3.94 -35.14 -9.04
CB MSE A 21 -5.73 -32.99 -7.34
CG MSE A 21 -5.39 -31.50 -7.14
SE MSE A 21 -5.53 -30.96 -5.28
CE MSE A 21 -7.26 -31.02 -5.60
N ALA A 22 -6.09 -35.80 -8.86
CA ALA A 22 -5.78 -37.23 -8.80
C ALA A 22 -5.28 -37.74 -10.14
N GLN A 23 -5.69 -37.07 -11.23
CA GLN A 23 -5.16 -37.37 -12.57
C GLN A 23 -3.75 -36.81 -12.82
N HIS A 24 -3.29 -35.96 -11.89
CA HIS A 24 -1.97 -35.32 -11.97
C HIS A 24 -1.21 -35.55 -10.66
N PRO A 25 -1.00 -36.82 -10.31
CA PRO A 25 -0.42 -37.17 -9.01
C PRO A 25 0.98 -36.65 -8.87
N GLY A 26 1.65 -36.33 -9.98
CA GLY A 26 3.01 -35.84 -9.91
C GLY A 26 3.14 -34.34 -9.85
N GLU A 27 2.00 -33.62 -9.92
CA GLU A 27 2.07 -32.14 -9.97
C GLU A 27 1.68 -31.47 -8.66
N ARG A 28 2.11 -30.22 -8.46
CA ARG A 28 1.83 -29.48 -7.23
C ARG A 28 0.61 -28.58 -7.45
N PHE A 29 -0.32 -28.63 -6.51
CA PHE A 29 -1.55 -27.81 -6.54
C PHE A 29 -1.70 -26.94 -5.32
N TYR A 30 -2.03 -25.68 -5.58
CA TYR A 30 -2.56 -24.80 -4.56
C TYR A 30 -4.03 -24.56 -4.91
N VAL A 31 -4.89 -24.80 -3.94
CA VAL A 31 -6.34 -24.74 -4.18
C VAL A 31 -6.93 -23.66 -3.29
N VAL A 32 -7.77 -22.80 -3.87
CA VAL A 32 -8.45 -21.78 -3.13
C VAL A 32 -9.95 -22.00 -3.21
N LEU A 33 -10.59 -22.10 -2.05
CA LEU A 33 -12.03 -22.13 -2.03
C LEU A 33 -12.51 -20.75 -1.65
N MSE A 34 -13.40 -20.20 -2.46
CA MSE A 34 -14.06 -18.94 -2.10
C MSE A 34 -15.56 -19.16 -1.84
O MSE A 34 -16.25 -19.76 -2.66
CB MSE A 34 -13.87 -17.94 -3.22
CG MSE A 34 -12.42 -17.48 -3.33
SE MSE A 34 -12.03 -16.72 -5.03
CE MSE A 34 -12.31 -18.24 -6.19
N SER A 35 -16.06 -18.73 -0.68
CA SER A 35 -17.44 -18.93 -0.39
C SER A 35 -17.96 -17.82 0.49
N GLU A 36 -19.23 -17.53 0.28
CA GLU A 36 -20.02 -16.71 1.20
C GLU A 36 -20.57 -17.57 2.36
N ASN A 37 -20.52 -18.89 2.21
CA ASN A 37 -21.22 -19.81 3.15
C ASN A 37 -20.32 -20.58 4.10
N ARG A 38 -20.90 -21.02 5.22
CA ARG A 38 -20.19 -21.90 6.17
C ARG A 38 -21.07 -23.03 6.70
N ASN A 39 -20.59 -24.28 6.57
CA ASN A 39 -21.27 -25.45 7.15
C ASN A 39 -20.42 -26.75 7.17
N GLU A 40 -21.00 -27.81 7.71
CA GLU A 40 -20.28 -29.07 7.86
C GLU A 40 -19.92 -29.70 6.50
N LYS A 41 -20.80 -29.53 5.53
CA LYS A 41 -20.53 -30.08 4.20
C LYS A 41 -19.34 -29.36 3.54
N TYR A 42 -19.35 -28.04 3.58
CA TYR A 42 -18.22 -27.27 3.04
C TYR A 42 -16.90 -27.68 3.72
N ASP A 43 -16.93 -27.86 5.04
CA ASP A 43 -15.74 -28.26 5.77
C ASP A 43 -15.25 -29.64 5.33
N TYR A 44 -16.15 -30.62 5.22
CA TYR A 44 -15.73 -31.98 4.87
C TYR A 44 -14.94 -32.03 3.57
N TYR A 45 -15.47 -31.44 2.51
CA TYR A 45 -14.80 -31.43 1.24
C TYR A 45 -13.55 -30.52 1.25
N PHE A 46 -13.62 -29.41 1.97
CA PHE A 46 -12.43 -28.53 2.08
C PHE A 46 -11.34 -29.26 2.81
N ASN A 47 -11.68 -30.01 3.86
CA ASN A 47 -10.64 -30.82 4.55
C ASN A 47 -10.04 -31.88 3.62
N GLN A 48 -10.86 -32.48 2.76
CA GLN A 48 -10.32 -33.45 1.80
C GLN A 48 -9.30 -32.73 0.92
N ILE A 49 -9.65 -31.51 0.52
CA ILE A 49 -8.76 -30.72 -0.36
C ILE A 49 -7.45 -30.40 0.39
N LYS A 50 -7.58 -29.90 1.62
CA LYS A 50 -6.45 -29.69 2.51
C LYS A 50 -5.52 -30.91 2.55
N ASP A 51 -6.09 -32.11 2.72
CA ASP A 51 -5.31 -33.35 2.74
C ASP A 51 -4.60 -33.63 1.44
N LYS A 52 -5.21 -33.26 0.31
CA LYS A 52 -4.70 -33.69 -0.97
C LYS A 52 -3.82 -32.68 -1.69
N ALA A 53 -3.99 -31.39 -1.39
CA ALA A 53 -3.23 -30.33 -2.07
C ALA A 53 -1.97 -29.98 -1.28
N GLU A 54 -0.96 -29.48 -1.99
CA GLU A 54 0.24 -28.93 -1.34
C GLU A 54 -0.17 -27.77 -0.44
N TRP A 55 -1.09 -26.94 -0.88
CA TRP A 55 -1.53 -25.79 -0.11
C TRP A 55 -2.99 -25.53 -0.43
N ALA A 56 -3.78 -25.24 0.60
CA ALA A 56 -5.21 -24.97 0.43
C ALA A 56 -5.62 -23.79 1.29
N TYR A 57 -6.50 -22.96 0.77
CA TYR A 57 -6.91 -21.76 1.48
C TYR A 57 -8.40 -21.49 1.31
N PHE A 58 -9.09 -21.24 2.43
CA PHE A 58 -10.49 -20.84 2.39
C PHE A 58 -10.55 -19.31 2.48
N PHE A 59 -11.19 -18.70 1.48
CA PHE A 59 -11.17 -17.28 1.36
C PHE A 59 -12.64 -16.90 1.50
N HIS A 60 -13.03 -16.47 2.70
CA HIS A 60 -14.39 -16.08 2.96
C HIS A 60 -14.76 -14.82 2.18
N LEU A 61 -15.98 -14.78 1.68
CA LEU A 61 -16.46 -13.63 0.94
C LEU A 61 -17.71 -13.09 1.61
N PRO A 62 -17.88 -11.76 1.59
CA PRO A 62 -19.12 -11.14 2.09
C PRO A 62 -20.35 -11.63 1.35
N TYR A 63 -21.38 -11.95 2.13
CA TYR A 63 -22.67 -12.33 1.57
C TYR A 63 -23.19 -11.29 0.59
N GLY A 64 -23.69 -11.79 -0.55
CA GLY A 64 -24.20 -10.93 -1.59
C GLY A 64 -23.19 -10.34 -2.56
N LEU A 65 -21.89 -10.66 -2.42
CA LEU A 65 -20.92 -10.17 -3.40
C LEU A 65 -21.20 -10.64 -4.85
N ASN A 66 -21.53 -11.94 -4.99
CA ASN A 66 -21.80 -12.55 -6.29
C ASN A 66 -23.26 -12.31 -6.69
N LYS A 67 -23.48 -11.61 -7.80
CA LYS A 67 -24.83 -11.37 -8.36
C LYS A 67 -25.29 -12.52 -9.28
N SER A 68 -24.38 -13.44 -9.57
CA SER A 68 -24.73 -14.58 -10.43
C SER A 68 -25.00 -15.85 -9.62
N PHE A 69 -25.30 -16.94 -10.31
CA PHE A 69 -25.65 -18.17 -9.61
C PHE A 69 -24.91 -19.31 -10.33
N ASN A 70 -24.37 -20.27 -9.59
CA ASN A 70 -23.83 -21.46 -10.26
C ASN A 70 -24.95 -22.42 -10.73
N PHE A 71 -26.13 -22.29 -10.11
CA PHE A 71 -27.31 -23.13 -10.39
C PHE A 71 -28.26 -22.29 -11.23
N ILE A 72 -29.36 -22.88 -11.71
CA ILE A 72 -30.39 -22.12 -12.43
C ILE A 72 -31.35 -21.57 -11.36
N PRO A 73 -31.42 -20.23 -11.26
CA PRO A 73 -32.16 -19.64 -10.13
C PRO A 73 -33.70 -19.66 -10.40
N THR A 74 -34.47 -19.80 -9.33
CA THR A 74 -35.94 -19.65 -9.43
C THR A 74 -36.31 -18.14 -9.45
N MSE A 75 -37.58 -17.84 -9.71
CA MSE A 75 -38.05 -16.44 -9.61
C MSE A 75 -37.83 -15.88 -8.22
O MSE A 75 -37.42 -14.74 -8.08
CB MSE A 75 -39.51 -16.28 -10.04
CG MSE A 75 -39.93 -14.80 -10.28
SE MSE A 75 -38.90 -13.81 -11.38
CE MSE A 75 -39.38 -14.47 -12.93
N ALA A 76 -38.07 -16.67 -7.18
CA ALA A 76 -37.86 -16.23 -5.82
C ALA A 76 -36.41 -15.82 -5.60
N GLU A 77 -35.49 -16.65 -6.09
CA GLU A 77 -34.05 -16.41 -5.90
C GLU A 77 -33.58 -15.17 -6.68
N LEU A 78 -34.07 -15.00 -7.90
CA LEU A 78 -33.78 -13.81 -8.69
C LEU A 78 -34.25 -12.55 -7.95
N LYS A 79 -35.49 -12.58 -7.44
CA LYS A 79 -36.05 -11.47 -6.63
C LYS A 79 -35.24 -11.11 -5.40
N VAL A 80 -34.89 -12.11 -4.58
CA VAL A 80 -34.01 -11.85 -3.42
C VAL A 80 -32.70 -11.14 -3.83
N LYS A 81 -32.02 -11.65 -4.86
CA LYS A 81 -30.77 -11.04 -5.28
C LYS A 81 -30.96 -9.64 -5.81
N ALA A 82 -32.03 -9.43 -6.57
CA ALA A 82 -32.32 -8.12 -7.16
C ALA A 82 -32.60 -7.02 -6.13
N MSE A 83 -33.11 -7.38 -4.95
CA MSE A 83 -33.40 -6.33 -4.00
C MSE A 83 -32.49 -6.29 -2.78
O MSE A 83 -32.61 -5.40 -1.94
CB MSE A 83 -34.89 -6.22 -3.67
CG MSE A 83 -35.48 -7.30 -2.80
SE MSE A 83 -37.07 -6.68 -2.20
CE MSE A 83 -37.64 -5.69 -3.59
N LEU A 84 -31.54 -7.21 -2.70
CA LEU A 84 -30.45 -7.06 -1.77
C LEU A 84 -29.54 -5.99 -2.35
N LEU A 85 -29.47 -5.95 -3.69
CA LEU A 85 -28.56 -5.03 -4.40
C LEU A 85 -28.75 -3.55 -4.02
N PRO A 86 -27.75 -2.97 -3.32
CA PRO A 86 -27.75 -1.52 -3.09
C PRO A 86 -27.71 -0.83 -4.44
N LYS A 87 -28.47 0.26 -4.61
CA LYS A 87 -28.38 1.02 -5.85
C LYS A 87 -27.22 2.00 -5.71
N VAL A 88 -26.30 2.04 -6.68
CA VAL A 88 -24.98 2.70 -6.45
C VAL A 88 -24.80 3.87 -7.39
N LYS A 89 -24.75 5.07 -6.85
CA LYS A 89 -24.64 6.24 -7.73
C LYS A 89 -23.18 6.63 -8.03
N ARG A 90 -22.29 6.32 -7.09
CA ARG A 90 -20.87 6.68 -7.22
C ARG A 90 -19.93 5.75 -6.46
N ILE A 91 -18.74 5.53 -7.01
CA ILE A 91 -17.78 4.66 -6.37
C ILE A 91 -16.45 5.45 -6.32
N TYR A 92 -15.87 5.55 -5.14
CA TYR A 92 -14.54 6.15 -4.96
C TYR A 92 -13.57 5.04 -4.62
N LEU A 93 -12.36 5.06 -5.18
CA LEU A 93 -11.40 3.97 -4.89
C LEU A 93 -9.99 4.46 -5.24
N ALA A 94 -8.97 3.76 -4.74
CA ALA A 94 -7.59 4.13 -5.11
C ALA A 94 -7.39 3.91 -6.62
N SER A 95 -6.53 4.75 -7.22
CA SER A 95 -6.32 4.66 -8.66
C SER A 95 -5.95 3.24 -9.13
N LEU A 96 -5.09 2.54 -8.40
CA LEU A 96 -4.71 1.18 -8.85
C LEU A 96 -5.78 0.14 -8.53
N GLU A 97 -6.74 0.47 -7.65
CA GLU A 97 -7.89 -0.45 -7.43
C GLU A 97 -8.80 -0.47 -8.66
N LYS A 98 -8.65 0.50 -9.57
CA LYS A 98 -9.34 0.35 -10.85
C LYS A 98 -8.87 -0.90 -11.61
N VAL A 99 -7.64 -1.35 -11.36
CA VAL A 99 -7.11 -2.61 -11.94
C VAL A 99 -7.61 -3.80 -11.09
N SER A 100 -7.32 -3.75 -9.79
CA SER A 100 -7.64 -4.89 -8.94
C SER A 100 -9.13 -5.21 -8.76
N ILE A 101 -10.00 -4.20 -8.73
CA ILE A 101 -11.43 -4.52 -8.61
C ILE A 101 -12.23 -4.15 -9.84
N ALA A 102 -11.57 -4.22 -10.99
CA ALA A 102 -12.18 -3.87 -12.26
C ALA A 102 -13.43 -4.70 -12.55
N ALA A 103 -13.42 -5.99 -12.19
CA ALA A 103 -14.57 -6.85 -12.50
C ALA A 103 -15.82 -6.39 -11.71
N PHE A 104 -15.62 -5.99 -10.45
CA PHE A 104 -16.72 -5.42 -9.67
C PHE A 104 -17.23 -4.08 -10.22
N LEU A 105 -16.31 -3.18 -10.56
CA LEU A 105 -16.66 -1.90 -11.20
C LEU A 105 -17.52 -2.12 -12.44
N SER A 106 -17.16 -3.11 -13.23
CA SER A 106 -17.89 -3.36 -14.46
C SER A 106 -19.35 -3.77 -14.25
N THR A 107 -19.68 -4.24 -13.04
CA THR A 107 -21.06 -4.58 -12.72
C THR A 107 -21.88 -3.33 -12.34
N TYR A 108 -21.25 -2.16 -12.31
CA TYR A 108 -22.00 -0.90 -12.05
C TYR A 108 -21.67 0.09 -13.14
N PRO A 109 -22.03 -0.23 -14.39
CA PRO A 109 -21.58 0.59 -15.52
C PRO A 109 -22.06 2.04 -15.51
N ASP A 110 -23.14 2.33 -14.79
CA ASP A 110 -23.65 3.72 -14.77
C ASP A 110 -23.20 4.50 -13.53
N ALA A 111 -22.38 3.89 -12.67
CA ALA A 111 -21.89 4.64 -11.50
C ALA A 111 -20.81 5.66 -11.93
N GLU A 112 -20.83 6.84 -11.32
CA GLU A 112 -19.74 7.81 -11.51
C GLU A 112 -18.54 7.28 -10.72
N ILE A 113 -17.35 7.31 -11.32
CA ILE A 113 -16.17 6.77 -10.66
C ILE A 113 -15.15 7.89 -10.40
N LYS A 114 -14.66 7.96 -9.16
CA LYS A 114 -13.63 8.96 -8.83
C LYS A 114 -12.50 8.21 -8.14
N THR A 115 -11.26 8.66 -8.34
CA THR A 115 -10.14 7.94 -7.74
C THR A 115 -9.42 8.85 -6.71
N PHE A 116 -8.65 8.23 -5.84
CA PHE A 116 -7.71 8.99 -5.01
C PHE A 116 -6.36 8.31 -5.03
N ASP A 117 -5.33 8.99 -4.54
CA ASP A 117 -3.98 8.38 -4.60
C ASP A 117 -3.91 7.03 -3.91
N ASP A 118 -3.21 6.07 -4.52
CA ASP A 118 -2.83 4.90 -3.78
C ASP A 118 -1.87 5.26 -2.65
N GLY A 119 -0.95 6.18 -2.96
CA GLY A 119 0.11 6.50 -2.01
C GLY A 119 1.22 7.16 -2.80
N THR A 120 2.46 7.09 -2.29
CA THR A 120 3.57 7.80 -2.98
C THR A 120 3.89 7.20 -4.34
N ILE A 121 3.44 5.97 -4.59
CA ILE A 121 3.56 5.40 -5.95
C ILE A 121 2.95 6.32 -7.02
N ASN A 122 1.96 7.12 -6.65
CA ASN A 122 1.39 8.07 -7.62
C ASN A 122 2.37 9.13 -8.07
N LEU A 123 3.48 9.26 -7.34
CA LEU A 123 4.42 10.36 -7.60
C LEU A 123 5.50 10.03 -8.66
N ILE A 124 5.60 8.75 -9.02
CA ILE A 124 6.53 8.34 -10.08
C ILE A 124 5.87 8.50 -11.43
N GLN A 125 6.40 9.41 -12.23
CA GLN A 125 5.80 9.74 -13.51
C GLN A 125 6.12 8.65 -14.56
N SER A 126 5.24 8.56 -15.55
CA SER A 126 5.36 7.56 -16.63
C SER A 126 6.78 7.48 -17.21
N SER A 127 7.34 8.64 -17.55
CA SER A 127 8.68 8.69 -18.14
C SER A 127 9.76 8.02 -17.28
N SER A 128 9.64 8.08 -15.94
CA SER A 128 10.66 7.46 -15.07
C SER A 128 10.76 5.96 -15.26
N TYR A 129 9.64 5.33 -15.60
CA TYR A 129 9.66 3.89 -15.80
C TYR A 129 10.42 3.50 -17.08
N LEU A 130 10.74 4.49 -17.91
CA LEU A 130 11.46 4.29 -19.19
C LEU A 130 12.98 4.44 -19.14
N GLY A 131 13.59 4.70 -17.99
CA GLY A 131 15.07 4.72 -18.01
C GLY A 131 15.57 3.60 -17.17
N ASP A 132 16.84 3.63 -16.75
CA ASP A 132 17.92 3.06 -17.50
C ASP A 132 18.01 1.94 -16.46
N GLU A 133 17.68 2.31 -15.20
CA GLU A 133 17.56 1.34 -14.08
C GLU A 133 16.42 0.34 -14.25
N PHE A 134 15.44 0.67 -15.07
CA PHE A 134 14.35 -0.26 -15.38
C PHE A 134 14.54 -0.97 -16.74
N SER A 135 15.74 -0.83 -17.34
CA SER A 135 16.00 -1.13 -18.78
C SER A 135 16.49 -2.52 -19.20
N VAL A 136 17.01 -3.30 -18.26
CA VAL A 136 17.65 -4.60 -18.57
C VAL A 136 16.64 -5.74 -18.42
N ASN A 137 16.20 -6.35 -19.54
CA ASN A 137 15.19 -7.44 -19.44
C ASN A 137 15.62 -8.61 -18.54
N GLY A 138 14.63 -9.29 -17.96
CA GLY A 138 14.90 -10.33 -16.97
C GLY A 138 15.04 -9.86 -15.52
N THR A 139 15.36 -8.58 -15.32
CA THR A 139 15.59 -8.09 -13.96
C THR A 139 14.29 -7.84 -13.19
N ILE A 140 14.43 -7.78 -11.89
CA ILE A 140 13.33 -7.50 -11.01
C ILE A 140 12.79 -6.09 -11.24
N LYS A 141 13.68 -5.13 -11.47
CA LYS A 141 13.28 -3.76 -11.74
C LYS A 141 12.57 -3.61 -13.09
N ARG A 142 13.01 -4.36 -14.11
CA ARG A 142 12.35 -4.32 -15.40
C ARG A 142 10.92 -4.85 -15.27
N ASN A 143 10.78 -5.96 -14.55
CA ASN A 143 9.49 -6.60 -14.38
C ASN A 143 8.51 -5.71 -13.61
N PHE A 144 9.04 -5.05 -12.57
CA PHE A 144 8.30 -4.00 -11.87
C PHE A 144 7.82 -2.88 -12.77
N ALA A 145 8.73 -2.30 -13.55
CA ALA A 145 8.38 -1.23 -14.44
C ALA A 145 7.30 -1.66 -15.43
N ARG A 146 7.46 -2.85 -16.00
CA ARG A 146 6.49 -3.38 -16.98
C ARG A 146 5.11 -3.50 -16.34
N MSE A 147 5.05 -4.04 -15.12
CA MSE A 147 3.80 -4.20 -14.37
C MSE A 147 3.12 -2.83 -14.12
O MSE A 147 1.94 -2.66 -14.39
CB MSE A 147 4.07 -4.86 -13.03
CG MSE A 147 2.82 -5.11 -12.17
SE MSE A 147 3.22 -5.79 -10.39
CE MSE A 147 4.14 -4.21 -9.73
N MSE A 148 3.88 -1.87 -13.61
CA MSE A 148 3.38 -0.52 -13.35
C MSE A 148 2.89 0.18 -14.61
O MSE A 148 1.82 0.81 -14.62
CB MSE A 148 4.44 0.31 -12.64
CG MSE A 148 4.88 -0.28 -11.27
SE MSE A 148 3.27 -0.62 -10.06
CE MSE A 148 2.57 1.02 -10.23
N ILE A 149 3.68 0.13 -15.69
CA ILE A 149 3.23 0.73 -16.95
C ILE A 149 1.86 0.18 -17.37
N GLY A 150 1.72 -1.14 -17.28
CA GLY A 150 0.50 -1.87 -17.68
C GLY A 150 -0.66 -1.45 -16.77
N ASP A 151 -0.42 -1.49 -15.46
CA ASP A 151 -1.44 -1.05 -14.46
C ASP A 151 -1.93 0.39 -14.62
N TRP A 152 -1.01 1.35 -14.79
CA TRP A 152 -1.43 2.74 -14.95
C TRP A 152 -2.22 2.98 -16.25
N SER A 153 -1.81 2.30 -17.31
CA SER A 153 -2.57 2.32 -18.56
C SER A 153 -4.02 1.82 -18.38
N ILE A 154 -4.21 0.70 -17.68
CA ILE A 154 -5.55 0.21 -17.33
C ILE A 154 -6.31 1.25 -16.47
N ALA A 155 -5.68 1.74 -15.39
CA ALA A 155 -6.29 2.72 -14.50
C ALA A 155 -6.70 4.00 -15.20
N LYS A 156 -5.91 4.41 -16.20
CA LYS A 156 -6.15 5.67 -16.85
C LYS A 156 -7.16 5.54 -17.97
N THR A 157 -7.31 4.34 -18.54
CA THR A 157 -8.13 4.19 -19.78
C THR A 157 -9.45 3.43 -19.63
N ARG A 158 -9.49 2.37 -18.82
CA ARG A 158 -10.71 1.58 -18.61
C ARG A 158 -11.61 2.21 -17.53
N ASN A 159 -12.89 1.84 -17.54
CA ASN A 159 -13.86 2.30 -16.53
C ASN A 159 -13.69 3.78 -16.24
N ALA A 160 -13.85 4.61 -17.27
CA ALA A 160 -13.55 6.05 -17.16
C ALA A 160 -13.99 6.67 -15.83
N SER A 161 -13.07 7.43 -15.23
CA SER A 161 -13.29 8.11 -13.96
C SER A 161 -12.92 9.57 -14.16
N ASP A 162 -13.70 10.47 -13.57
CA ASP A 162 -13.70 11.85 -14.03
C ASP A 162 -12.97 12.80 -13.11
N GLU A 163 -12.52 12.31 -11.95
CA GLU A 163 -11.76 13.15 -11.01
C GLU A 163 -10.78 12.29 -10.23
N HIS A 164 -9.62 12.85 -9.89
CA HIS A 164 -8.68 12.15 -9.03
C HIS A 164 -8.25 13.06 -7.91
N TYR A 165 -8.40 12.61 -6.67
CA TYR A 165 -7.96 13.35 -5.50
C TYR A 165 -6.50 12.98 -5.13
N THR A 166 -5.62 13.98 -5.05
CA THR A 166 -4.25 13.75 -4.57
C THR A 166 -4.03 14.43 -3.23
N ILE A 167 -3.27 13.79 -2.37
CA ILE A 167 -2.93 14.38 -1.09
C ILE A 167 -1.59 15.13 -1.18
N PHE A 168 -0.96 15.12 -2.35
CA PHE A 168 0.39 15.71 -2.45
C PHE A 168 0.31 17.02 -3.20
N LYS A 169 0.62 18.11 -2.50
CA LYS A 169 0.60 19.43 -3.10
C LYS A 169 1.96 19.66 -3.82
N GLY A 170 1.91 20.06 -5.09
CA GLY A 170 3.11 20.51 -5.80
C GLY A 170 4.06 19.45 -6.35
N LEU A 171 3.59 18.21 -6.41
CA LEU A 171 4.36 17.14 -7.03
C LEU A 171 3.44 16.61 -8.09
N LYS A 172 3.97 16.37 -9.29
CA LYS A 172 3.13 15.93 -10.38
C LYS A 172 2.64 14.50 -10.12
N ASN A 173 1.42 14.23 -10.55
CA ASN A 173 0.79 12.90 -10.34
C ASN A 173 0.76 12.12 -11.64
N ILE A 174 1.01 10.81 -11.57
CA ILE A 174 0.89 9.89 -12.71
C ILE A 174 -0.54 9.97 -13.33
N MSE A 175 -1.57 10.30 -12.52
CA MSE A 175 -3.00 10.31 -12.99
C MSE A 175 -3.36 11.62 -13.69
O MSE A 175 -4.46 11.77 -14.22
CB MSE A 175 -3.95 10.07 -11.81
CG MSE A 175 -3.84 8.62 -11.24
SE MSE A 175 -4.29 7.22 -12.53
CE MSE A 175 -6.21 7.53 -12.55
N ASP A 176 -2.44 12.60 -13.63
CA ASP A 176 -2.73 13.90 -14.19
C ASP A 176 -2.41 13.80 -15.67
N ASP A 177 -3.39 13.31 -16.41
CA ASP A 177 -3.16 12.96 -17.77
C ASP A 177 -4.14 13.71 -18.65
N GLY A 178 -4.84 14.69 -18.09
CA GLY A 178 -5.77 15.55 -18.85
C GLY A 178 -7.14 14.89 -19.12
N ARG A 179 -7.33 13.69 -18.58
CA ARG A 179 -8.61 12.94 -18.78
C ARG A 179 -9.54 12.96 -17.57
N ARG A 180 -9.21 13.79 -16.59
CA ARG A 180 -9.91 13.85 -15.33
C ARG A 180 -9.52 15.16 -14.69
N LYS A 181 -10.33 15.62 -13.76
CA LYS A 181 -10.05 16.76 -12.91
C LYS A 181 -9.14 16.30 -11.78
N MSE A 182 -7.98 16.97 -11.64
CA MSE A 182 -7.10 16.79 -10.47
C MSE A 182 -7.58 17.68 -9.34
O MSE A 182 -7.84 18.88 -9.54
CB MSE A 182 -5.65 17.14 -10.82
CG MSE A 182 -5.04 16.25 -11.86
SE MSE A 182 -4.87 14.36 -11.28
CE MSE A 182 -4.19 14.67 -9.63
N THR A 183 -7.74 17.11 -8.17
CA THR A 183 -8.16 17.88 -7.02
C THR A 183 -7.22 17.61 -5.88
N TYR A 184 -6.65 18.68 -5.35
CA TYR A 184 -5.84 18.56 -4.15
C TYR A 184 -6.70 18.40 -2.92
N LEU A 185 -6.41 17.39 -2.11
CA LEU A 185 -7.20 17.12 -0.91
C LEU A 185 -6.24 17.14 0.27
N PRO A 186 -6.13 18.29 0.95
CA PRO A 186 -5.24 18.37 2.11
C PRO A 186 -5.72 17.44 3.21
N LEU A 187 -4.91 16.44 3.55
CA LEU A 187 -5.34 15.40 4.49
C LEU A 187 -5.29 15.91 5.88
N PHE A 188 -4.33 16.79 6.11
CA PHE A 188 -4.03 17.23 7.45
C PHE A 188 -4.27 18.70 7.65
N ASP A 189 -4.87 19.02 8.79
CA ASP A 189 -5.16 20.42 9.07
C ASP A 189 -4.08 20.98 9.99
N ALA A 190 -3.48 22.10 9.54
CA ALA A 190 -2.37 22.80 10.21
C ALA A 190 -2.71 24.18 10.77
N SER A 191 -3.80 24.77 10.30
CA SER A 191 -4.34 25.98 10.93
C SER A 191 -4.88 25.47 12.26
N GLU A 192 -4.92 26.29 13.29
CA GLU A 192 -5.50 25.78 14.52
C GLU A 192 -4.52 24.88 15.29
N LEU A 193 -3.37 24.59 14.69
CA LEU A 193 -2.26 24.02 15.48
C LEU A 193 -1.77 25.13 16.43
N LYS A 194 -1.84 26.37 15.95
CA LYS A 194 -1.41 27.55 16.71
C LYS A 194 0.05 27.39 17.14
N ALA A 195 0.90 26.95 16.20
CA ALA A 195 2.31 26.70 16.48
C ALA A 195 3.05 28.03 16.53
N GLY A 196 3.95 28.19 17.51
CA GLY A 196 4.70 29.43 17.65
C GLY A 196 6.19 29.28 17.33
N ASP A 197 6.99 30.20 17.87
CA ASP A 197 8.44 30.16 17.71
C ASP A 197 9.00 28.99 18.49
N GLU A 198 10.02 28.36 17.91
CA GLU A 198 10.67 27.20 18.51
C GLU A 198 11.63 27.62 19.62
N THR A 199 11.08 27.87 20.80
CA THR A 199 11.86 28.34 21.96
C THR A 199 11.96 27.25 22.98
N GLY A 200 11.34 26.11 22.67
CA GLY A 200 11.38 24.98 23.59
C GLY A 200 12.48 24.03 23.19
N GLY A 201 12.47 22.84 23.79
CA GLY A 201 13.41 21.79 23.42
C GLY A 201 13.30 21.38 21.95
N THR A 202 14.16 20.44 21.57
CA THR A 202 14.08 19.78 20.26
C THR A 202 13.73 18.32 20.54
N VAL A 203 12.76 17.77 19.78
CA VAL A 203 12.39 16.36 19.92
C VAL A 203 12.75 15.69 18.59
N ARG A 204 13.56 14.66 18.65
CA ARG A 204 14.00 13.97 17.44
C ARG A 204 13.39 12.58 17.38
N ILE A 205 12.84 12.25 16.23
CA ILE A 205 12.18 10.95 16.03
C ILE A 205 12.67 10.32 14.75
N LEU A 206 13.11 9.07 14.88
CA LEU A 206 13.42 8.29 13.72
C LEU A 206 12.16 7.50 13.27
N LEU A 207 11.87 7.54 11.98
CA LEU A 207 10.83 6.71 11.40
C LEU A 207 11.47 5.33 11.18
N GLY A 208 10.96 4.31 11.86
CA GLY A 208 11.56 2.96 11.81
C GLY A 208 11.41 2.32 10.43
N SER A 209 12.38 1.51 10.04
CA SER A 209 12.31 0.75 8.79
C SER A 209 11.58 -0.59 9.01
N PRO A 210 10.68 -0.97 8.07
CA PRO A 210 10.06 -2.31 8.19
C PRO A 210 11.03 -3.39 7.73
N ASP A 211 12.25 -3.01 7.40
CA ASP A 211 13.21 -3.95 6.87
C ASP A 211 14.25 -4.33 7.94
N LYS A 212 14.23 -5.61 8.34
CA LYS A 212 14.97 -6.11 9.52
C LYS A 212 16.49 -5.98 9.43
N GLU A 213 17.01 -5.94 8.20
CA GLU A 213 18.44 -5.74 7.98
C GLU A 213 18.89 -4.29 8.24
N MSE A 214 17.91 -3.40 8.47
CA MSE A 214 18.15 -1.99 8.79
C MSE A 214 18.29 -1.72 10.30
O MSE A 214 18.49 -0.58 10.74
CB MSE A 214 17.05 -1.12 8.21
CG MSE A 214 17.03 -1.07 6.68
SE MSE A 214 18.65 -0.19 6.03
CE MSE A 214 18.05 1.65 6.27
N LYS A 215 18.17 -2.79 11.10
CA LYS A 215 18.21 -2.66 12.55
C LYS A 215 19.48 -2.00 13.06
N GLU A 216 20.63 -2.49 12.59
CA GLU A 216 21.91 -1.95 13.06
C GLU A 216 22.13 -0.53 12.54
N ILE A 217 21.77 -0.29 11.28
CA ILE A 217 21.87 1.05 10.69
C ILE A 217 20.99 2.02 11.47
N SER A 218 19.75 1.61 11.75
CA SER A 218 18.84 2.41 12.58
C SER A 218 19.39 2.77 13.96
N GLU A 219 19.88 1.77 14.72
CA GLU A 219 20.51 2.03 16.01
C GLU A 219 21.70 2.97 15.86
N LYS A 220 22.53 2.74 14.84
CA LYS A 220 23.66 3.64 14.56
C LYS A 220 23.24 5.08 14.27
N ALA A 221 22.18 5.23 13.47
CA ALA A 221 21.63 6.54 13.15
C ALA A 221 21.16 7.25 14.43
N ALA A 222 20.43 6.52 15.27
CA ALA A 222 19.96 7.10 16.54
C ALA A 222 21.12 7.59 17.44
N LYS A 223 22.17 6.77 17.57
CA LYS A 223 23.36 7.19 18.30
C LYS A 223 24.03 8.40 17.63
N ASN A 224 24.27 8.31 16.33
CA ASN A 224 25.01 9.35 15.63
C ASN A 224 24.38 10.74 15.67
N PHE A 225 23.05 10.80 15.56
CA PHE A 225 22.37 12.08 15.41
C PHE A 225 21.64 12.44 16.69
N ASN A 226 21.86 11.63 17.72
CA ASN A 226 21.23 11.81 19.04
C ASN A 226 19.71 11.84 18.94
N ILE A 227 19.14 10.78 18.34
CA ILE A 227 17.69 10.69 18.17
C ILE A 227 17.12 9.85 19.34
N GLN A 228 16.29 10.46 20.17
CA GLN A 228 15.80 9.80 21.41
C GLN A 228 14.68 8.79 21.11
N TYR A 229 13.91 9.06 20.07
CA TYR A 229 12.69 8.28 19.84
C TYR A 229 12.65 7.62 18.48
N VAL A 230 11.98 6.46 18.41
CA VAL A 230 11.66 5.84 17.13
C VAL A 230 10.13 5.62 17.03
N ALA A 231 9.56 6.02 15.90
CA ALA A 231 8.18 5.72 15.54
C ALA A 231 8.22 4.44 14.69
N PRO A 232 7.85 3.30 15.30
CA PRO A 232 8.02 2.05 14.58
C PRO A 232 7.15 2.01 13.31
N HIS A 233 7.67 1.41 12.25
CA HIS A 233 6.84 1.19 11.05
C HIS A 233 5.72 0.20 11.43
N PRO A 234 4.46 0.46 10.98
CA PRO A 234 3.33 -0.49 11.23
C PRO A 234 3.68 -1.98 11.01
N ARG A 235 4.49 -2.24 9.99
CA ARG A 235 4.91 -3.58 9.61
C ARG A 235 6.36 -3.86 10.07
N GLN A 236 6.72 -3.37 11.26
CA GLN A 236 8.06 -3.56 11.84
C GLN A 236 7.98 -4.52 13.04
N THR A 237 8.89 -5.49 13.09
CA THR A 237 8.77 -6.60 14.05
C THR A 237 9.92 -6.66 15.07
N TYR A 238 10.66 -5.57 15.20
CA TYR A 238 11.84 -5.58 16.07
C TYR A 238 11.97 -4.23 16.76
N GLY A 239 12.83 -4.17 17.77
CA GLY A 239 13.05 -2.92 18.50
C GLY A 239 14.47 -2.42 18.38
N LEU A 240 14.70 -1.20 18.85
CA LEU A 240 15.99 -0.54 18.74
C LEU A 240 16.57 -0.28 20.12
N SER A 241 17.47 -1.15 20.57
CA SER A 241 18.02 -1.01 21.91
C SER A 241 18.65 0.37 22.04
N GLY A 242 18.39 1.02 23.19
CA GLY A 242 18.87 2.39 23.44
C GLY A 242 18.06 3.51 22.78
N VAL A 243 16.88 3.18 22.25
CA VAL A 243 15.98 4.19 21.69
C VAL A 243 14.59 3.94 22.26
N THR A 244 13.88 5.00 22.67
CA THR A 244 12.51 4.85 23.17
C THR A 244 11.53 4.68 22.00
N THR A 245 10.75 3.60 22.01
CA THR A 245 9.74 3.40 20.98
C THR A 245 8.45 4.13 21.30
N LEU A 246 7.93 4.91 20.36
CA LEU A 246 6.66 5.55 20.55
C LEU A 246 5.57 4.50 20.33
N ASN A 247 4.53 4.60 21.14
CA ASN A 247 3.44 3.65 21.14
C ASN A 247 2.21 4.51 21.00
N SER A 248 1.49 4.41 19.89
CA SER A 248 0.33 5.25 19.64
C SER A 248 -0.63 4.58 18.65
N PRO A 249 -1.95 4.86 18.78
CA PRO A 249 -2.87 4.32 17.76
C PRO A 249 -2.91 5.20 16.48
N TYR A 250 -2.21 6.32 16.49
CA TYR A 250 -2.27 7.21 15.36
C TYR A 250 -1.16 6.90 14.35
N VAL A 251 -1.37 7.27 13.10
CA VAL A 251 -0.25 7.27 12.15
C VAL A 251 0.64 8.43 12.51
N ILE A 252 1.89 8.36 12.09
CA ILE A 252 2.88 9.31 12.55
C ILE A 252 2.41 10.73 12.27
N GLU A 253 1.81 10.97 11.10
CA GLU A 253 1.32 12.31 10.75
C GLU A 253 0.36 12.90 11.78
N ASP A 254 -0.62 12.10 12.21
CA ASP A 254 -1.60 12.57 13.19
C ASP A 254 -0.98 12.71 14.58
N TYR A 255 -0.13 11.77 14.93
CA TYR A 255 0.62 11.84 16.16
C TYR A 255 1.38 13.16 16.21
N ILE A 256 2.10 13.51 15.14
CA ILE A 256 2.89 14.76 15.22
C ILE A 256 1.99 16.00 15.29
N LEU A 257 0.90 16.00 14.53
CA LEU A 257 -0.02 17.12 14.60
C LEU A 257 -0.59 17.27 16.00
N ARG A 258 -0.85 16.16 16.68
CA ARG A 258 -1.35 16.26 18.05
C ARG A 258 -0.28 16.84 18.99
N GLU A 259 0.95 16.39 18.81
CA GLU A 259 2.08 16.89 19.60
C GLU A 259 2.36 18.38 19.35
N ILE A 260 2.27 18.85 18.09
CA ILE A 260 2.49 20.27 17.79
C ILE A 260 1.48 21.16 18.53
N LYS A 261 0.22 20.78 18.49
CA LYS A 261 -0.85 21.54 19.17
C LYS A 261 -0.60 21.54 20.68
N LYS A 262 -0.20 20.40 21.22
CA LYS A 262 0.11 20.28 22.64
C LYS A 262 1.40 21.05 23.05
N ASN A 263 2.36 21.15 22.13
CA ASN A 263 3.70 21.70 22.40
C ASN A 263 4.04 22.69 21.30
N PRO A 264 3.36 23.84 21.28
CA PRO A 264 3.47 24.72 20.13
C PRO A 264 4.81 25.43 20.04
N HIS A 265 5.66 25.22 21.04
CA HIS A 265 6.99 25.83 21.03
C HIS A 265 8.14 24.84 20.80
N THR A 266 7.80 23.57 20.54
CA THR A 266 8.83 22.52 20.38
C THR A 266 9.27 22.34 18.93
N ARG A 267 10.59 22.25 18.71
CA ARG A 267 11.15 21.91 17.40
C ARG A 267 11.07 20.38 17.22
N TYR A 268 10.37 19.92 16.18
CA TYR A 268 10.28 18.48 15.92
C TYR A 268 11.16 18.15 14.73
N GLU A 269 12.06 17.18 14.90
CA GLU A 269 12.91 16.74 13.81
C GLU A 269 12.60 15.29 13.50
N ILE A 270 12.37 15.02 12.23
CA ILE A 270 11.98 13.67 11.80
C ILE A 270 13.06 13.13 10.90
N TYR A 271 13.67 12.01 11.28
CA TYR A 271 14.75 11.44 10.48
C TYR A 271 14.19 10.19 9.81
N THR A 272 14.50 10.00 8.54
CA THR A 272 13.92 8.86 7.81
C THR A 272 14.81 8.29 6.70
N PHE A 273 14.75 6.95 6.57
CA PHE A 273 15.32 6.25 5.43
C PHE A 273 14.36 6.32 4.22
N PHE A 274 14.09 7.56 3.80
CA PHE A 274 13.27 7.87 2.63
C PHE A 274 11.82 7.33 2.73
N SER A 275 11.26 7.35 3.95
CA SER A 275 9.88 6.98 4.12
C SER A 275 8.93 7.96 3.43
N GLY A 276 7.94 7.40 2.74
CA GLY A 276 6.91 8.23 2.11
C GLY A 276 6.13 9.18 3.00
N ALA A 277 6.02 8.88 4.28
CA ALA A 277 5.38 9.82 5.24
C ALA A 277 6.08 11.18 5.29
N ALA A 278 7.39 11.18 5.05
CA ALA A 278 8.09 12.45 4.96
C ALA A 278 7.45 13.41 3.98
N LEU A 279 6.93 12.88 2.87
CA LEU A 279 6.45 13.75 1.81
C LEU A 279 5.17 14.49 2.24
N THR A 280 4.42 13.89 3.14
CA THR A 280 3.22 14.54 3.69
C THR A 280 3.52 15.52 4.79
N MSE A 281 4.60 15.30 5.53
CA MSE A 281 4.88 16.11 6.72
C MSE A 281 5.82 17.31 6.54
O MSE A 281 5.97 18.09 7.46
CB MSE A 281 5.46 15.23 7.84
CG MSE A 281 4.56 14.17 8.26
SE MSE A 281 5.18 13.20 9.83
CE MSE A 281 6.40 12.07 9.10
N LYS A 282 6.47 17.41 5.38
CA LYS A 282 7.46 18.50 5.12
C LYS A 282 6.86 19.89 5.35
N ASP A 283 5.54 19.99 5.13
CA ASP A 283 4.88 21.29 5.24
C ASP A 283 4.26 21.57 6.61
N PHE A 284 4.39 20.64 7.57
CA PHE A 284 3.92 20.91 8.93
C PHE A 284 4.75 22.01 9.63
N PRO A 285 4.09 22.86 10.43
CA PRO A 285 4.82 23.90 11.17
C PRO A 285 5.63 23.28 12.29
N ASN A 286 6.83 23.82 12.50
CA ASN A 286 7.73 23.33 13.55
C ASN A 286 8.21 21.88 13.31
N VAL A 287 8.10 21.40 12.09
CA VAL A 287 8.58 20.08 11.72
C VAL A 287 9.67 20.15 10.65
N HIS A 288 10.78 19.44 10.89
CA HIS A 288 11.96 19.47 10.03
C HIS A 288 12.32 18.06 9.71
N VAL A 289 12.20 17.68 8.44
CA VAL A 289 12.45 16.31 8.04
C VAL A 289 13.85 16.20 7.40
N TYR A 290 14.55 15.12 7.71
CA TYR A 290 15.89 14.80 7.17
C TYR A 290 15.84 13.39 6.66
N ALA A 291 16.22 13.20 5.40
CA ALA A 291 16.39 11.86 4.88
C ALA A 291 17.84 11.40 5.11
N LEU A 292 17.99 10.16 5.52
CA LEU A 292 19.30 9.55 5.81
C LEU A 292 19.64 8.54 4.73
N LYS A 293 20.79 8.72 4.10
CA LYS A 293 21.24 7.82 3.05
C LYS A 293 22.52 7.13 3.53
N PRO A 294 22.38 5.90 4.06
CA PRO A 294 23.53 5.20 4.71
C PRO A 294 24.56 4.80 3.67
N ALA A 295 25.84 5.09 3.94
CA ALA A 295 26.90 4.90 2.93
C ALA A 295 27.12 3.42 2.60
N SER A 296 26.86 2.55 3.57
CA SER A 296 27.10 1.12 3.38
C SER A 296 26.10 0.43 2.43
N LEU A 297 24.97 1.08 2.11
CA LEU A 297 23.97 0.47 1.24
C LEU A 297 24.27 0.82 -0.22
N PRO A 298 23.93 -0.09 -1.16
CA PRO A 298 24.17 0.30 -2.57
C PRO A 298 23.39 1.55 -3.00
N GLU A 299 23.92 2.34 -3.94
CA GLU A 299 23.18 3.49 -4.51
C GLU A 299 21.78 3.11 -4.99
N ASP A 300 21.60 1.86 -5.42
CA ASP A 300 20.33 1.43 -6.01
C ASP A 300 19.39 0.71 -5.01
N TYR A 301 19.66 0.86 -3.70
CA TYR A 301 18.74 0.37 -2.65
C TYR A 301 17.39 1.08 -2.79
N TRP A 302 17.44 2.37 -3.13
CA TRP A 302 16.27 3.20 -3.45
C TRP A 302 16.21 3.41 -4.94
N LEU A 303 15.01 3.44 -5.49
CA LEU A 303 14.86 3.79 -6.90
C LEU A 303 15.19 5.25 -7.13
N LYS A 304 15.84 5.56 -8.27
CA LYS A 304 16.27 6.93 -8.58
C LYS A 304 15.23 8.03 -8.40
N PRO A 305 13.97 7.77 -8.84
CA PRO A 305 12.98 8.81 -8.63
C PRO A 305 12.81 9.23 -7.16
N VAL A 306 13.05 8.33 -6.20
CA VAL A 306 12.94 8.66 -4.76
C VAL A 306 13.86 9.87 -4.37
N TYR A 307 15.12 9.81 -4.80
CA TYR A 307 16.07 10.88 -4.46
C TYR A 307 15.57 12.20 -5.02
N ALA A 308 15.14 12.19 -6.28
CA ALA A 308 14.58 13.38 -6.89
C ALA A 308 13.32 13.97 -6.23
N LEU A 309 12.38 13.10 -5.85
CA LEU A 309 11.18 13.56 -5.14
C LEU A 309 11.52 14.22 -3.82
N PHE A 310 12.44 13.61 -3.08
CA PHE A 310 12.84 14.21 -1.81
C PHE A 310 13.46 15.60 -2.03
N THR A 311 14.31 15.74 -3.05
CA THR A 311 14.93 17.06 -3.35
C THR A 311 13.95 18.11 -3.87
N GLN A 312 13.11 17.74 -4.84
CA GLN A 312 11.98 18.61 -5.25
C GLN A 312 11.17 19.05 -4.06
N SER A 313 11.05 18.20 -3.04
CA SER A 313 10.24 18.56 -1.86
C SER A 313 10.97 19.42 -0.82
N GLY A 314 12.24 19.74 -1.08
CA GLY A 314 13.01 20.58 -0.14
C GLY A 314 13.47 19.80 1.08
N ILE A 315 13.55 18.47 0.95
CA ILE A 315 13.98 17.65 2.07
C ILE A 315 15.48 17.32 1.92
N PRO A 316 16.28 17.79 2.89
CA PRO A 316 17.72 17.50 2.79
C PRO A 316 17.99 16.01 2.80
N ILE A 317 18.93 15.57 1.97
CA ILE A 317 19.39 14.19 1.98
C ILE A 317 20.78 14.20 2.61
N LEU A 318 20.91 13.49 3.73
CA LEU A 318 22.15 13.50 4.49
C LEU A 318 22.85 12.18 4.29
N THR A 319 24.09 12.27 3.80
CA THR A 319 24.98 11.12 3.74
C THR A 319 25.23 10.70 5.16
N PHE A 320 25.04 9.43 5.44
CA PHE A 320 25.26 8.90 6.77
C PHE A 320 26.34 7.80 6.69
N ASP A 321 27.51 8.09 7.23
CA ASP A 321 28.64 7.15 7.17
C ASP A 321 28.52 6.17 8.35
N ASP A 322 27.65 5.19 8.17
CA ASP A 322 27.26 4.31 9.27
C ASP A 322 28.41 3.44 9.77
N LYS A 323 29.41 3.21 8.92
CA LYS A 323 30.57 2.41 9.34
C LYS A 323 31.52 3.19 10.27
N LEU A 324 31.33 4.50 10.40
CA LEU A 324 32.09 5.29 11.37
C LEU A 324 31.46 5.31 12.78
N VAL A 325 30.34 4.62 12.93
CA VAL A 325 29.63 4.55 14.20
C VAL A 325 29.80 3.14 14.78
N PRO A 326 30.34 3.02 16.03
CA PRO A 326 30.65 1.73 16.68
C PRO A 326 29.51 0.70 16.75
O1 EGC B . -13.46 -7.20 -8.60
C2 EGC B . -13.21 -8.30 -7.74
C3 EGC B . -14.47 -9.15 -7.65
O4 EGC B . -15.34 -9.12 -8.81
C5 EGC B . -16.73 -9.30 -8.40
C6 EGC B . -17.21 -10.36 -9.37
O7 EGC B . -18.02 -9.77 -10.36
C8 EGC B . -17.68 -10.04 -11.72
C9 EGC B . -18.85 -10.77 -12.26
O10 EGC B . -18.63 -12.08 -11.74
C11 EGC B . -19.66 -12.97 -12.17
C12 EGC B . -19.14 -14.40 -11.96
C14 EGC B . -18.73 -16.15 -10.49
C15 EGC B . -18.60 -16.50 -9.05
C17 EGC B . -17.07 -16.33 -7.27
C18 EGC B . -15.64 -15.90 -7.02
C20 EGC B . -14.28 -13.96 -6.46
C21 EGC B . -14.32 -12.44 -6.27
C23 EGC B . -13.60 -10.77 -4.59
C24 EGC B . -12.91 -9.35 -4.51
C26 EGC B . -14.08 -7.18 -4.72
C27 EGC B . -14.79 -6.03 -4.01
C29 EGC B . -16.45 -5.87 -2.27
C30 EGC B . -16.87 -5.84 -0.93
C31 EGC B . -18.15 -5.35 -0.56
C32 EGC B . -19.04 -4.88 -1.54
C33 EGC B . -18.60 -4.92 -2.87
C34 EGC B . -17.34 -5.40 -3.23
C35 EGC B . -20.46 -4.30 -1.23
C36 EGC B . -21.35 -4.12 -2.48
C37 EGC B . -20.22 -2.88 -0.69
C38 EGC B . -21.13 -5.13 -0.11
C39 EGC B . -21.87 -6.45 -0.48
C40 EGC B . -21.10 -7.30 -1.48
C41 EGC B . -23.28 -6.14 -0.98
C42 EGC B . -22.00 -7.22 0.83
O13 EGC B . -19.14 -14.76 -10.59
O16 EGC B . -17.34 -16.09 -8.64
O19 EGC B . -15.58 -14.47 -6.83
O22 EGC B . -13.17 -11.79 -5.60
O25 EGC B . -13.61 -8.23 -3.83
O28 EGC B . -15.21 -6.35 -2.64
C1 EDO C . -3.99 8.47 0.21
O1 EDO C . -4.86 8.82 -0.89
C2 EDO C . -2.54 8.37 -0.33
O2 EDO C . -1.67 8.08 0.78
C1 EDO D . 4.69 4.73 3.06
O1 EDO D . 4.36 5.84 2.18
C2 EDO D . 6.13 4.90 3.55
O2 EDO D . 6.89 3.69 3.42
C1 EDO E . -8.48 -41.97 -10.14
O1 EDO E . -8.70 -42.90 -11.20
C2 EDO E . -7.19 -41.16 -10.44
O2 EDO E . -7.39 -40.36 -11.61
S SO4 F . 0.21 -32.51 -18.01
O1 SO4 F . 1.67 -32.68 -18.11
O2 SO4 F . -0.02 -31.82 -16.76
O3 SO4 F . -0.22 -31.69 -19.13
O4 SO4 F . -0.53 -33.77 -18.03
#